data_1V2B
#
_entry.id   1V2B
#
_cell.length_a   74.520
_cell.length_b   90.442
_cell.length_c   52.635
_cell.angle_alpha   90.00
_cell.angle_beta   90.00
_cell.angle_gamma   90.00
#
_symmetry.space_group_name_H-M   'P 21 21 2'
#
loop_
_entity.id
_entity.type
_entity.pdbx_description
1 polymer '23-kDa polypeptide of photosystem II oxygen-evolving complex'
2 non-polymer alpha-D-glucopyranose
3 non-polymer 'SULFATE ION'
4 water water
#
_entity_poly.entity_id   1
_entity_poly.type   'polypeptide(L)'
_entity_poly.pdbx_seq_one_letter_code
;GKPKTDTDFQTYNGDGFKLQIPSKWNPNKEVEYPGQVLRFEDNFDATSNVIVAITPTDKKSITDFGSPEQFLSQVDYLLG
RQAYSGKTDSEGGFESDAVAIANVLETSTAEVGGKQYYYLSILTRTADGNEGGKHQLVTATVNDGKLYICKAQAGDKRWF
KGAKKFVENTATSFSLA
;
_entity_poly.pdbx_strand_id   A,B
#
# COMPACT_ATOMS: atom_id res chain seq x y z
N THR A 7 -14.23 5.35 32.86
CA THR A 7 -12.91 5.44 33.54
C THR A 7 -11.76 5.57 32.54
N ASP A 8 -11.84 4.81 31.45
CA ASP A 8 -10.79 4.82 30.44
C ASP A 8 -10.82 6.09 29.57
N PHE A 9 -11.92 6.84 29.68
CA PHE A 9 -12.11 8.08 28.91
C PHE A 9 -12.48 9.25 29.82
N GLN A 10 -12.16 10.46 29.36
CA GLN A 10 -12.61 11.69 30.03
C GLN A 10 -13.47 12.48 29.05
N THR A 11 -14.57 13.04 29.54
CA THR A 11 -15.43 13.87 28.70
C THR A 11 -14.76 15.21 28.46
N TYR A 12 -14.59 15.55 27.19
CA TYR A 12 -14.04 16.85 26.79
C TYR A 12 -15.18 17.72 26.26
N ASN A 13 -15.37 18.88 26.90
CA ASN A 13 -16.34 19.85 26.44
C ASN A 13 -15.63 20.95 25.67
N GLY A 14 -15.94 21.06 24.38
CA GLY A 14 -15.34 22.05 23.52
C GLY A 14 -16.33 23.11 23.04
N ASP A 15 -15.90 23.90 22.06
CA ASP A 15 -16.70 25.00 21.53
C ASP A 15 -17.80 24.49 20.60
N GLY A 16 -18.96 24.18 21.19
CA GLY A 16 -20.11 23.69 20.46
C GLY A 16 -20.09 22.18 20.22
N PHE A 17 -19.18 21.47 20.89
CA PHE A 17 -19.09 20.03 20.74
C PHE A 17 -18.62 19.34 22.03
N LYS A 18 -18.81 18.02 22.07
CA LYS A 18 -18.24 17.19 23.13
C LYS A 18 -17.77 15.86 22.55
N LEU A 19 -16.82 15.24 23.24
CA LEU A 19 -16.34 13.91 22.86
C LEU A 19 -15.67 13.23 24.04
N GLN A 20 -15.48 11.92 23.92
CA GLN A 20 -14.73 11.15 24.90
C GLN A 20 -13.28 11.06 24.43
N ILE A 21 -12.34 11.42 25.30
CA ILE A 21 -10.92 11.37 24.97
C ILE A 21 -10.25 10.37 25.91
N PRO A 22 -9.38 9.50 25.38
CA PRO A 22 -8.63 8.55 26.22
C PRO A 22 -7.99 9.29 27.39
N SER A 23 -8.20 8.80 28.60
CA SER A 23 -7.84 9.54 29.81
C SER A 23 -6.35 9.82 29.98
N LYS A 24 -5.50 9.01 29.37
CA LYS A 24 -4.06 9.15 29.54
C LYS A 24 -3.40 10.00 28.45
N TRP A 25 -4.16 10.34 27.41
CA TRP A 25 -3.62 11.15 26.32
C TRP A 25 -3.46 12.60 26.77
N ASN A 26 -2.51 13.29 26.15
CA ASN A 26 -2.16 14.67 26.48
C ASN A 26 -2.38 15.60 25.31
N PRO A 27 -2.71 16.86 25.58
CA PRO A 27 -2.87 17.84 24.50
C PRO A 27 -1.54 18.18 23.85
N ASN A 28 -1.61 18.50 22.56
CA ASN A 28 -0.47 18.98 21.81
C ASN A 28 -0.94 20.22 21.06
N LYS A 29 -0.29 21.36 21.31
CA LYS A 29 -0.73 22.63 20.74
C LYS A 29 -0.27 22.82 19.28
N GLU A 30 0.60 21.95 18.80
CA GLU A 30 1.11 22.06 17.43
C GLU A 30 0.00 21.75 16.42
N VAL A 31 -0.24 22.70 15.52
CA VAL A 31 -1.32 22.59 14.54
C VAL A 31 -0.86 21.82 13.30
N GLU A 32 -1.60 20.76 12.98
CA GLU A 32 -1.30 19.93 11.81
C GLU A 32 -2.44 19.95 10.77
N TYR A 33 -3.61 20.46 11.16
CA TYR A 33 -4.80 20.42 10.30
C TYR A 33 -5.46 21.79 10.20
N PRO A 34 -5.96 22.16 9.03
CA PRO A 34 -6.68 23.44 8.90
C PRO A 34 -7.96 23.43 9.74
N GLY A 35 -8.10 24.44 10.60
CA GLY A 35 -9.23 24.55 11.50
C GLY A 35 -9.08 23.82 12.82
N GLN A 36 -7.92 23.18 13.05
CA GLN A 36 -7.69 22.44 14.29
C GLN A 36 -7.96 23.26 15.55
N VAL A 37 -8.79 22.72 16.44
CA VAL A 37 -9.06 23.34 17.73
C VAL A 37 -8.70 22.42 18.90
N LEU A 38 -8.33 21.19 18.58
CA LEU A 38 -8.03 20.17 19.58
C LEU A 38 -7.07 19.15 19.00
N ARG A 39 -6.09 18.74 19.79
CA ARG A 39 -5.21 17.62 19.45
C ARG A 39 -4.73 16.94 20.74
N PHE A 40 -5.06 15.67 20.88
CA PHE A 40 -4.64 14.87 22.03
C PHE A 40 -3.94 13.63 21.50
N GLU A 41 -2.92 13.18 22.20
CA GLU A 41 -2.13 12.05 21.72
C GLU A 41 -1.57 11.21 22.86
N ASP A 42 -1.27 9.96 22.55
CA ASP A 42 -0.54 9.08 23.45
C ASP A 42 0.87 9.65 23.64
N ASN A 43 1.28 9.82 24.89
CA ASN A 43 2.60 10.39 25.21
C ASN A 43 3.76 9.58 24.66
N PHE A 44 3.52 8.30 24.39
CA PHE A 44 4.57 7.34 24.02
C PHE A 44 4.59 7.00 22.53
N ASP A 45 3.56 7.45 21.81
CA ASP A 45 3.40 7.17 20.40
C ASP A 45 2.42 8.18 19.81
N ALA A 46 2.97 9.20 19.17
CA ALA A 46 2.17 10.30 18.64
C ALA A 46 1.24 9.90 17.49
N THR A 47 1.46 8.72 16.92
CA THR A 47 0.59 8.19 15.86
C THR A 47 -0.79 7.79 16.41
N SER A 48 -0.88 7.64 17.73
CA SER A 48 -2.18 7.46 18.38
C SER A 48 -2.64 8.84 18.81
N ASN A 49 -3.63 9.38 18.11
CA ASN A 49 -4.09 10.74 18.40
C ASN A 49 -5.52 11.00 17.95
N VAL A 50 -6.09 12.10 18.43
CA VAL A 50 -7.39 12.57 17.97
C VAL A 50 -7.32 14.07 17.76
N ILE A 51 -7.92 14.54 16.67
CA ILE A 51 -8.06 15.97 16.43
C ILE A 51 -9.51 16.34 16.21
N VAL A 52 -9.83 17.60 16.48
CA VAL A 52 -11.10 18.17 16.04
C VAL A 52 -10.75 19.43 15.27
N ALA A 53 -11.38 19.61 14.11
CA ALA A 53 -11.19 20.80 13.31
C ALA A 53 -12.54 21.42 12.97
N ILE A 54 -12.62 22.75 13.06
CA ILE A 54 -13.83 23.50 12.75
C ILE A 54 -13.50 24.51 11.65
N THR A 55 -14.27 24.48 10.56
CA THR A 55 -14.04 25.40 9.43
C THR A 55 -15.37 26.00 8.97
N PRO A 56 -15.33 27.19 8.38
CA PRO A 56 -16.56 27.78 7.83
C PRO A 56 -17.09 26.97 6.65
N THR A 57 -18.41 26.83 6.56
CA THR A 57 -19.03 26.23 5.38
C THR A 57 -20.35 26.91 5.03
N ASP A 58 -20.66 26.93 3.74
CA ASP A 58 -21.94 27.43 3.25
C ASP A 58 -22.98 26.32 3.27
N LYS A 59 -22.54 25.09 3.50
CA LYS A 59 -23.44 23.94 3.53
C LYS A 59 -24.34 23.95 4.76
N LYS A 60 -25.47 23.28 4.65
CA LYS A 60 -26.47 23.24 5.71
C LYS A 60 -26.50 21.88 6.41
N SER A 61 -26.06 20.84 5.71
CA SER A 61 -25.95 19.49 6.25
C SER A 61 -24.72 18.81 5.67
N ILE A 62 -24.17 17.85 6.40
CA ILE A 62 -23.08 17.04 5.87
C ILE A 62 -23.48 16.30 4.58
N THR A 63 -24.78 16.02 4.43
CA THR A 63 -25.30 15.35 3.24
C THR A 63 -25.17 16.20 1.98
N ASP A 64 -25.02 17.52 2.15
CA ASP A 64 -24.82 18.44 1.02
C ASP A 64 -23.55 18.11 0.24
N PHE A 65 -22.62 17.41 0.86
CA PHE A 65 -21.36 17.00 0.23
C PHE A 65 -21.56 15.82 -0.71
N GLY A 66 -22.68 15.13 -0.54
CA GLY A 66 -22.93 13.86 -1.20
C GLY A 66 -22.85 12.73 -0.19
N SER A 67 -22.37 11.58 -0.65
CA SER A 67 -22.17 10.41 0.20
C SER A 67 -21.00 10.64 1.16
N PRO A 68 -20.87 9.82 2.21
CA PRO A 68 -19.69 9.88 3.08
C PRO A 68 -18.36 9.83 2.32
N GLU A 69 -18.28 8.98 1.30
CA GLU A 69 -17.04 8.85 0.51
C GLU A 69 -16.78 10.08 -0.34
N GLN A 70 -17.84 10.70 -0.85
CA GLN A 70 -17.73 11.95 -1.60
C GLN A 70 -17.30 13.11 -0.69
N PHE A 71 -17.80 13.11 0.54
CA PHE A 71 -17.36 14.08 1.53
C PHE A 71 -15.85 13.96 1.80
N LEU A 72 -15.37 12.74 2.02
CA LEU A 72 -13.96 12.52 2.35
C LEU A 72 -13.04 12.98 1.21
N SER A 73 -13.47 12.77 -0.03
CA SER A 73 -12.72 13.21 -1.21
C SER A 73 -12.56 14.72 -1.23
N GLN A 74 -13.53 15.43 -0.68
CA GLN A 74 -13.52 16.90 -0.67
C GLN A 74 -12.67 17.47 0.47
N VAL A 75 -12.42 16.65 1.50
CA VAL A 75 -11.55 17.05 2.61
C VAL A 75 -10.31 16.14 2.71
N ASP A 76 -9.75 15.74 1.56
CA ASP A 76 -8.65 14.77 1.57
C ASP A 76 -7.34 15.28 2.19
N TYR A 77 -7.28 16.57 2.49
CA TYR A 77 -6.18 17.14 3.28
C TYR A 77 -6.08 16.47 4.66
N LEU A 78 -7.19 15.87 5.11
CA LEU A 78 -7.25 15.13 6.37
C LEU A 78 -6.26 13.97 6.42
N LEU A 79 -6.01 13.36 5.26
CA LEU A 79 -5.14 12.19 5.17
C LEU A 79 -3.72 12.57 4.79
N ALA A 98 3.84 10.88 3.42
CA ALA A 98 2.89 11.05 2.33
C ALA A 98 2.06 9.79 2.11
N VAL A 99 0.74 9.94 2.16
CA VAL A 99 -0.17 8.82 2.00
C VAL A 99 -0.28 8.43 0.52
N ALA A 100 0.02 7.16 0.24
CA ALA A 100 -0.03 6.64 -1.12
C ALA A 100 -1.32 5.87 -1.39
N ILE A 101 -1.83 5.18 -0.36
CA ILE A 101 -3.08 4.44 -0.47
C ILE A 101 -4.00 4.80 0.70
N ALA A 102 -5.25 5.13 0.39
CA ALA A 102 -6.28 5.33 1.39
C ALA A 102 -7.51 4.51 1.05
N ASN A 103 -7.76 3.48 1.86
CA ASN A 103 -8.91 2.60 1.66
C ASN A 103 -10.01 2.91 2.66
N VAL A 104 -11.18 3.30 2.16
CA VAL A 104 -12.37 3.42 3.00
C VAL A 104 -12.90 2.01 3.24
N LEU A 105 -12.93 1.60 4.51
CA LEU A 105 -13.31 0.24 4.87
C LEU A 105 -14.82 0.12 5.10
N GLU A 106 -15.37 1.02 5.92
CA GLU A 106 -16.79 1.06 6.23
C GLU A 106 -17.23 2.50 6.37
N THR A 107 -18.52 2.76 6.15
CA THR A 107 -19.13 4.04 6.49
C THR A 107 -20.43 3.82 7.26
N SER A 108 -20.91 4.89 7.89
CA SER A 108 -22.21 4.88 8.56
C SER A 108 -22.75 6.31 8.59
N THR A 109 -24.04 6.43 8.90
CA THR A 109 -24.64 7.74 9.18
C THR A 109 -25.56 7.64 10.41
N ALA A 110 -25.78 8.79 11.04
CA ALA A 110 -26.70 8.86 12.16
C ALA A 110 -27.40 10.23 12.17
N GLU A 111 -28.47 10.33 12.94
CA GLU A 111 -29.18 11.59 13.10
C GLU A 111 -29.46 11.83 14.57
N VAL A 112 -29.00 12.98 15.07
CA VAL A 112 -29.21 13.38 16.46
C VAL A 112 -29.56 14.86 16.51
N GLY A 113 -30.66 15.19 17.19
CA GLY A 113 -31.12 16.56 17.32
C GLY A 113 -31.39 17.22 15.98
N GLY A 114 -31.87 16.44 15.01
CA GLY A 114 -32.13 16.93 13.67
C GLY A 114 -30.89 17.12 12.81
N LYS A 115 -29.74 16.63 13.31
CA LYS A 115 -28.47 16.83 12.60
C LYS A 115 -27.89 15.50 12.13
N GLN A 116 -27.45 15.50 10.87
CA GLN A 116 -26.85 14.31 10.25
C GLN A 116 -25.36 14.21 10.56
N TYR A 117 -24.92 12.99 10.83
CA TYR A 117 -23.52 12.70 11.10
C TYR A 117 -23.03 11.66 10.11
N TYR A 118 -21.82 11.86 9.61
CA TYR A 118 -21.14 10.87 8.76
C TYR A 118 -19.99 10.25 9.53
N TYR A 119 -19.78 8.95 9.30
CA TYR A 119 -18.68 8.18 9.90
C TYR A 119 -17.96 7.40 8.82
N LEU A 120 -16.63 7.45 8.85
CA LEU A 120 -15.81 6.65 7.93
C LEU A 120 -14.69 5.98 8.71
N SER A 121 -14.40 4.73 8.35
CA SER A 121 -13.21 4.05 8.84
C SER A 121 -12.28 3.88 7.64
N ILE A 122 -11.00 4.20 7.83
CA ILE A 122 -10.03 4.24 6.74
C ILE A 122 -8.75 3.54 7.16
N LEU A 123 -8.14 2.83 6.21
CA LEU A 123 -6.76 2.36 6.38
C LEU A 123 -5.90 3.09 5.38
N THR A 124 -4.86 3.75 5.86
CA THR A 124 -3.92 4.46 4.99
C THR A 124 -2.54 3.83 5.02
N ARG A 125 -1.86 3.89 3.88
CA ARG A 125 -0.48 3.40 3.73
C ARG A 125 0.37 4.48 3.06
N THR A 126 1.63 4.59 3.48
CA THR A 126 2.56 5.53 2.85
C THR A 126 3.30 4.88 1.67
N GLY A 132 3.70 -0.30 9.08
CA GLY A 132 2.41 -0.74 8.55
C GLY A 132 1.47 0.40 8.24
N GLY A 133 0.17 0.13 8.28
CA GLY A 133 -0.84 1.13 7.97
C GLY A 133 -1.34 1.88 9.19
N LYS A 134 -2.09 2.97 8.95
CA LYS A 134 -2.75 3.70 10.02
C LYS A 134 -4.24 3.45 9.98
N HIS A 135 -4.82 3.18 11.15
CA HIS A 135 -6.24 2.89 11.28
C HIS A 135 -6.93 4.17 11.74
N GLN A 136 -7.71 4.77 10.85
CA GLN A 136 -8.29 6.09 11.08
C GLN A 136 -9.81 6.06 11.08
N LEU A 137 -10.40 6.90 11.93
CA LEU A 137 -11.86 7.02 11.95
C LEU A 137 -12.23 8.50 11.92
N VAL A 138 -13.11 8.83 10.99
CA VAL A 138 -13.55 10.22 10.80
C VAL A 138 -15.05 10.33 11.12
N THR A 139 -15.39 11.33 11.93
CA THR A 139 -16.78 11.70 12.19
C THR A 139 -16.94 13.13 11.74
N ALA A 140 -18.03 13.44 11.03
CA ALA A 140 -18.25 14.81 10.57
C ALA A 140 -19.71 15.20 10.57
N THR A 141 -19.95 16.49 10.85
CA THR A 141 -21.29 17.04 10.85
C THR A 141 -21.23 18.52 10.52
N VAL A 142 -22.36 19.09 10.13
CA VAL A 142 -22.44 20.51 9.80
C VAL A 142 -23.50 21.18 10.67
N ASN A 143 -23.16 22.33 11.25
CA ASN A 143 -24.12 23.14 12.01
C ASN A 143 -23.72 24.60 12.07
N ASP A 144 -24.70 25.48 11.97
CA ASP A 144 -24.50 26.92 12.24
C ASP A 144 -23.35 27.51 11.42
N GLY A 145 -23.30 27.15 10.13
CA GLY A 145 -22.30 27.68 9.22
C GLY A 145 -20.90 27.12 9.43
N LYS A 146 -20.80 25.99 10.13
CA LYS A 146 -19.51 25.38 10.43
C LYS A 146 -19.48 23.90 10.10
N LEU A 147 -18.34 23.46 9.57
CA LEU A 147 -18.07 22.04 9.36
C LEU A 147 -17.21 21.54 10.52
N TYR A 148 -17.69 20.50 11.19
CA TYR A 148 -17.00 19.88 12.33
C TYR A 148 -16.45 18.52 11.91
N ILE A 149 -15.14 18.35 12.09
CA ILE A 149 -14.49 17.07 11.80
C ILE A 149 -13.75 16.56 13.02
N CYS A 150 -14.02 15.32 13.39
CA CYS A 150 -13.24 14.64 14.42
C CYS A 150 -12.54 13.45 13.78
N LYS A 151 -11.23 13.35 13.96
CA LYS A 151 -10.49 12.22 13.41
C LYS A 151 -9.59 11.62 14.47
N ALA A 152 -9.73 10.32 14.68
CA ALA A 152 -8.85 9.58 15.59
C ALA A 152 -8.12 8.50 14.80
N GLN A 153 -6.91 8.14 15.25
CA GLN A 153 -6.09 7.18 14.54
C GLN A 153 -5.15 6.44 15.48
N ALA A 154 -4.69 5.27 15.03
CA ALA A 154 -3.64 4.50 15.71
C ALA A 154 -2.88 3.71 14.67
N GLY A 155 -1.61 3.44 14.96
CA GLY A 155 -0.82 2.52 14.15
C GLY A 155 -1.00 1.09 14.60
N ASP A 156 -0.40 0.16 13.84
CA ASP A 156 -0.51 -1.28 14.11
C ASP A 156 -0.21 -1.68 15.55
N LYS A 157 0.81 -1.05 16.14
CA LYS A 157 1.26 -1.39 17.49
C LYS A 157 0.18 -1.13 18.55
N ARG A 158 -0.79 -0.30 18.20
CA ARG A 158 -1.89 0.02 19.12
C ARG A 158 -3.26 -0.33 18.52
N TRP A 159 -3.24 -1.21 17.53
CA TRP A 159 -4.45 -1.74 16.93
C TRP A 159 -4.58 -3.21 17.28
N PHE A 160 -5.06 -3.45 18.49
CA PHE A 160 -5.24 -4.80 19.02
C PHE A 160 -6.44 -4.82 19.95
N LYS A 161 -6.97 -6.01 20.20
CA LYS A 161 -8.14 -6.17 21.05
C LYS A 161 -7.89 -5.59 22.44
N GLY A 162 -8.73 -4.64 22.83
CA GLY A 162 -8.58 -3.95 24.10
C GLY A 162 -8.14 -2.51 23.94
N ALA A 163 -7.57 -2.18 22.78
CA ALA A 163 -7.06 -0.82 22.53
C ALA A 163 -7.78 -0.10 21.38
N LYS A 164 -8.54 -0.84 20.60
CA LYS A 164 -9.23 -0.24 19.44
C LYS A 164 -10.20 0.86 19.86
N LYS A 165 -10.76 0.73 21.06
CA LYS A 165 -11.72 1.71 21.58
C LYS A 165 -11.13 3.12 21.66
N PHE A 166 -9.81 3.22 21.82
CA PHE A 166 -9.18 4.53 21.91
C PHE A 166 -9.22 5.30 20.59
N VAL A 167 -9.45 4.57 19.49
CA VAL A 167 -9.75 5.18 18.20
C VAL A 167 -11.27 5.25 18.02
N GLU A 168 -11.92 4.09 18.21
CA GLU A 168 -13.32 3.92 17.82
C GLU A 168 -14.32 4.66 18.70
N ASN A 169 -14.20 4.51 20.02
CA ASN A 169 -15.11 5.20 20.94
C ASN A 169 -14.87 6.70 20.87
N THR A 170 -13.59 7.08 20.86
CA THR A 170 -13.19 8.47 20.73
C THR A 170 -13.92 9.17 19.57
N ALA A 171 -13.75 8.65 18.36
CA ALA A 171 -14.31 9.30 17.18
C ALA A 171 -15.83 9.23 17.13
N THR A 172 -16.41 8.07 17.43
CA THR A 172 -17.87 7.93 17.32
C THR A 172 -18.61 8.66 18.43
N SER A 173 -17.90 9.01 19.51
CA SER A 173 -18.49 9.75 20.62
C SER A 173 -18.72 11.23 20.28
N PHE A 174 -18.10 11.69 19.20
CA PHE A 174 -18.15 13.11 18.84
C PHE A 174 -19.57 13.58 18.57
N SER A 175 -19.99 14.63 19.28
CA SER A 175 -21.36 15.14 19.20
C SER A 175 -21.38 16.65 19.32
N LEU A 176 -22.31 17.29 18.62
CA LEU A 176 -22.56 18.69 18.85
C LEU A 176 -23.13 18.87 20.25
N ALA A 177 -22.84 20.01 20.88
CA ALA A 177 -23.30 20.29 22.24
C ALA A 177 -23.63 21.76 22.37
N THR B 7 12.57 -32.32 -7.06
CA THR B 7 11.53 -32.46 -8.13
C THR B 7 10.51 -31.33 -8.10
N ASP B 8 10.70 -30.37 -7.19
CA ASP B 8 9.80 -29.23 -7.08
C ASP B 8 9.95 -28.26 -8.25
N PHE B 9 11.09 -28.34 -8.93
CA PHE B 9 11.34 -27.53 -10.14
C PHE B 9 11.76 -28.41 -11.30
N GLN B 10 11.55 -27.90 -12.50
CA GLN B 10 12.08 -28.51 -13.72
C GLN B 10 12.87 -27.48 -14.50
N THR B 11 14.01 -27.90 -15.07
CA THR B 11 14.82 -27.01 -15.88
C THR B 11 14.14 -26.76 -17.21
N TYR B 12 14.03 -25.48 -17.56
CA TYR B 12 13.55 -25.08 -18.87
C TYR B 12 14.70 -24.45 -19.64
N ASN B 13 14.95 -24.98 -20.85
CA ASN B 13 16.00 -24.47 -21.72
C ASN B 13 15.40 -23.67 -22.87
N GLY B 14 15.47 -22.35 -22.76
CA GLY B 14 14.93 -21.48 -23.78
C GLY B 14 15.95 -21.07 -24.83
N ASP B 15 15.57 -20.11 -25.66
CA ASP B 15 16.45 -19.59 -26.69
C ASP B 15 17.53 -18.71 -26.06
N GLY B 16 18.65 -19.34 -25.72
CA GLY B 16 19.81 -18.64 -25.19
C GLY B 16 19.85 -18.51 -23.68
N PHE B 17 18.88 -19.12 -22.99
CA PHE B 17 18.76 -19.02 -21.54
C PHE B 17 18.22 -20.30 -20.93
N LYS B 18 18.36 -20.43 -19.61
CA LYS B 18 17.73 -21.52 -18.87
C LYS B 18 17.30 -21.02 -17.51
N LEU B 19 16.34 -21.72 -16.91
CA LEU B 19 15.89 -21.41 -15.55
C LEU B 19 15.16 -22.60 -14.96
N GLN B 20 15.00 -22.57 -13.64
CA GLN B 20 14.19 -23.56 -12.93
C GLN B 20 12.77 -23.03 -12.85
N ILE B 21 11.81 -23.82 -13.32
CA ILE B 21 10.39 -23.45 -13.27
C ILE B 21 9.65 -24.40 -12.32
N PRO B 22 8.81 -23.88 -11.43
CA PRO B 22 8.02 -24.74 -10.54
C PRO B 22 7.32 -25.83 -11.35
N SER B 23 7.47 -27.08 -10.92
CA SER B 23 7.12 -28.23 -11.76
C SER B 23 5.64 -28.30 -12.15
N LYS B 24 4.78 -27.72 -11.33
CA LYS B 24 3.33 -27.81 -11.54
C LYS B 24 2.77 -26.67 -12.40
N TRP B 25 3.59 -25.65 -12.66
CA TRP B 25 3.12 -24.49 -13.42
C TRP B 25 2.95 -24.82 -14.90
N ASN B 26 2.03 -24.10 -15.53
CA ASN B 26 1.65 -24.30 -16.92
C ASN B 26 1.95 -23.09 -17.77
N PRO B 27 2.29 -23.31 -19.06
CA PRO B 27 2.51 -22.19 -19.98
C PRO B 27 1.24 -21.37 -20.24
N ASN B 28 1.43 -20.07 -20.45
CA ASN B 28 0.36 -19.17 -20.85
C ASN B 28 0.85 -18.35 -22.04
N LYS B 29 0.16 -18.48 -23.18
CA LYS B 29 0.59 -17.80 -24.41
C LYS B 29 0.30 -16.30 -24.44
N GLU B 30 -0.54 -15.83 -23.52
CA GLU B 30 -0.94 -14.42 -23.50
C GLU B 30 0.24 -13.52 -23.15
N VAL B 31 0.50 -12.54 -24.02
CA VAL B 31 1.65 -11.65 -23.86
C VAL B 31 1.30 -10.42 -23.01
N GLU B 32 2.05 -10.26 -21.92
CA GLU B 32 1.83 -9.19 -20.95
C GLU B 32 2.94 -8.14 -20.94
N TYR B 33 4.11 -8.49 -21.48
CA TYR B 33 5.27 -7.60 -21.44
C TYR B 33 5.96 -7.55 -22.81
N PRO B 34 6.49 -6.38 -23.18
CA PRO B 34 7.19 -6.28 -24.46
C PRO B 34 8.45 -7.14 -24.47
N GLY B 35 8.56 -7.99 -25.49
CA GLY B 35 9.68 -8.91 -25.62
C GLY B 35 9.45 -10.27 -24.99
N GLN B 36 8.29 -10.47 -24.33
CA GLN B 36 7.99 -11.74 -23.67
C GLN B 36 8.14 -12.94 -24.61
N VAL B 37 8.94 -13.93 -24.18
CA VAL B 37 9.14 -15.18 -24.93
C VAL B 37 8.63 -16.41 -24.18
N LEU B 38 8.38 -16.24 -22.88
CA LEU B 38 7.96 -17.33 -22.00
C LEU B 38 7.10 -16.80 -20.87
N ARG B 39 6.07 -17.58 -20.52
CA ARG B 39 5.25 -17.29 -19.36
C ARG B 39 4.69 -18.59 -18.81
N PHE B 40 5.00 -18.87 -17.54
CA PHE B 40 4.45 -20.04 -16.85
C PHE B 40 3.75 -19.54 -15.60
N GLU B 41 2.69 -20.23 -15.19
CA GLU B 41 1.89 -19.78 -14.06
C GLU B 41 1.25 -20.93 -13.30
N ASP B 42 0.94 -20.67 -12.03
CA ASP B 42 0.16 -21.58 -11.21
C ASP B 42 -1.24 -21.68 -11.82
N ASN B 43 -1.68 -22.92 -12.05
CA ASN B 43 -2.98 -23.18 -12.67
C ASN B 43 -4.16 -22.57 -11.88
N PHE B 44 -3.96 -22.38 -10.58
CA PHE B 44 -5.03 -21.95 -9.68
C PHE B 44 -4.95 -20.48 -9.28
N ASP B 45 -3.86 -19.82 -9.66
CA ASP B 45 -3.64 -18.42 -9.31
C ASP B 45 -2.63 -17.82 -10.29
N ALA B 46 -3.14 -17.11 -11.29
CA ALA B 46 -2.28 -16.55 -12.34
C ALA B 46 -1.32 -15.47 -11.83
N THR B 47 -1.56 -14.98 -10.61
CA THR B 47 -0.68 -14.01 -9.96
C THR B 47 0.67 -14.63 -9.60
N SER B 48 0.71 -15.95 -9.45
CA SER B 48 1.96 -16.68 -9.32
C SER B 48 2.44 -17.05 -10.71
N ASN B 49 3.49 -16.37 -11.17
CA ASN B 49 4.00 -16.61 -12.52
C ASN B 49 5.44 -16.20 -12.72
N VAL B 50 6.02 -16.69 -13.82
CA VAL B 50 7.34 -16.27 -14.24
C VAL B 50 7.29 -15.95 -15.72
N ILE B 51 7.92 -14.85 -16.11
CA ILE B 51 8.09 -14.51 -17.52
C ILE B 51 9.57 -14.34 -17.83
N VAL B 52 9.92 -14.58 -19.09
CA VAL B 52 11.23 -14.20 -19.61
C VAL B 52 10.95 -13.30 -20.82
N ALA B 53 11.66 -12.18 -20.90
CA ALA B 53 11.52 -11.24 -22.02
C ALA B 53 12.89 -10.93 -22.60
N ILE B 54 12.99 -10.96 -23.93
CA ILE B 54 14.23 -10.70 -24.64
C ILE B 54 14.01 -9.54 -25.61
N THR B 55 14.86 -8.52 -25.53
CA THR B 55 14.74 -7.35 -26.41
C THR B 55 16.10 -6.96 -26.97
N PRO B 56 16.13 -6.32 -28.14
CA PRO B 56 17.41 -5.84 -28.68
C PRO B 56 17.99 -4.73 -27.81
N THR B 57 19.32 -4.72 -27.69
CA THR B 57 20.01 -3.63 -27.01
C THR B 57 21.36 -3.37 -27.68
N ASP B 58 21.79 -2.12 -27.63
CA ASP B 58 23.12 -1.74 -28.10
C ASP B 58 24.15 -1.91 -26.98
N LYS B 59 23.66 -2.16 -25.77
CA LYS B 59 24.54 -2.32 -24.61
C LYS B 59 25.31 -3.63 -24.65
N LYS B 60 26.41 -3.70 -23.89
CA LYS B 60 27.26 -4.88 -23.85
C LYS B 60 27.21 -5.57 -22.49
N SER B 61 26.82 -4.84 -21.46
CA SER B 61 26.65 -5.39 -20.11
C SER B 61 25.46 -4.75 -19.42
N ILE B 62 24.83 -5.48 -18.50
CA ILE B 62 23.75 -4.91 -17.69
C ILE B 62 24.23 -3.69 -16.88
N THR B 63 25.52 -3.66 -16.54
CA THR B 63 26.10 -2.52 -15.82
C THR B 63 26.07 -1.21 -16.62
N ASP B 64 25.90 -1.30 -17.93
CA ASP B 64 25.78 -0.13 -18.82
C ASP B 64 24.57 0.74 -18.49
N PHE B 65 23.57 0.14 -17.84
CA PHE B 65 22.36 0.84 -17.42
C PHE B 65 22.59 1.71 -16.18
N GLY B 66 23.70 1.47 -15.50
CA GLY B 66 23.96 2.05 -14.18
C GLY B 66 23.75 1.00 -13.11
N SER B 67 23.26 1.43 -11.95
CA SER B 67 22.96 0.52 -10.85
C SER B 67 21.72 -0.35 -11.16
N PRO B 68 21.50 -1.44 -10.41
CA PRO B 68 20.26 -2.23 -10.56
C PRO B 68 18.99 -1.38 -10.47
N GLU B 69 18.98 -0.40 -9.55
CA GLU B 69 17.82 0.47 -9.38
C GLU B 69 17.61 1.39 -10.58
N GLN B 70 18.72 1.89 -11.15
CA GLN B 70 18.68 2.69 -12.36
C GLN B 70 18.22 1.88 -13.56
N PHE B 71 18.64 0.62 -13.61
CA PHE B 71 18.17 -0.31 -14.64
C PHE B 71 16.65 -0.49 -14.56
N LEU B 72 16.14 -0.79 -13.36
CA LEU B 72 14.70 -1.01 -13.20
C LEU B 72 13.88 0.20 -13.62
N SER B 73 14.40 1.39 -13.31
CA SER B 73 13.76 2.65 -13.71
C SER B 73 13.57 2.75 -15.23
N GLN B 74 14.51 2.18 -15.98
CA GLN B 74 14.47 2.24 -17.44
C GLN B 74 13.59 1.15 -18.08
N VAL B 75 13.24 0.13 -17.29
CA VAL B 75 12.33 -0.91 -17.75
C VAL B 75 11.09 -1.00 -16.85
N ASP B 76 10.59 0.14 -16.40
CA ASP B 76 9.53 0.14 -15.38
C ASP B 76 8.17 -0.38 -15.87
N TYR B 77 8.08 -0.72 -17.16
CA TYR B 77 6.91 -1.41 -17.70
C TYR B 77 6.71 -2.77 -17.02
N LEU B 78 7.78 -3.28 -16.42
CA LEU B 78 7.72 -4.54 -15.66
C LEU B 78 6.80 -4.42 -14.46
N LEU B 79 6.61 -3.19 -13.98
CA LEU B 79 5.82 -2.93 -12.78
C LEU B 79 4.40 -2.48 -13.09
N GLY B 80 4.04 -2.46 -14.37
CA GLY B 80 2.68 -2.12 -14.79
C GLY B 80 2.55 -0.82 -15.56
N ARG B 81 1.37 -0.20 -15.45
CA ARG B 81 1.04 1.02 -16.18
C ARG B 81 1.90 2.22 -15.78
N VAL B 99 -0.73 0.38 -10.10
CA VAL B 99 0.21 0.27 -8.99
C VAL B 99 0.38 1.60 -8.29
N ALA B 100 0.04 1.63 -7.00
CA ALA B 100 0.12 2.85 -6.18
C ALA B 100 1.39 2.88 -5.36
N ILE B 101 1.92 1.70 -5.03
CA ILE B 101 3.14 1.58 -4.25
C ILE B 101 4.07 0.56 -4.93
N ALA B 102 5.30 0.98 -5.20
CA ALA B 102 6.33 0.09 -5.72
C ALA B 102 7.64 0.35 -4.98
N ASN B 103 8.05 -0.62 -4.17
CA ASN B 103 9.27 -0.49 -3.37
C ASN B 103 10.30 -1.53 -3.78
N VAL B 104 11.50 -1.07 -4.12
CA VAL B 104 12.62 -1.98 -4.29
C VAL B 104 13.14 -2.32 -2.90
N LEU B 105 13.06 -3.59 -2.53
CA LEU B 105 13.44 -4.02 -1.19
C LEU B 105 14.94 -4.23 -1.07
N GLU B 106 15.49 -5.08 -1.93
CA GLU B 106 16.92 -5.38 -1.96
C GLU B 106 17.38 -5.50 -3.41
N THR B 107 18.69 -5.32 -3.63
CA THR B 107 19.30 -5.66 -4.91
C THR B 107 20.56 -6.49 -4.67
N SER B 108 21.05 -7.11 -5.73
CA SER B 108 22.30 -7.86 -5.69
C SER B 108 22.88 -7.94 -7.10
N THR B 109 24.13 -8.36 -7.19
CA THR B 109 24.76 -8.67 -8.48
C THR B 109 25.59 -9.94 -8.36
N ALA B 110 25.82 -10.59 -9.49
CA ALA B 110 26.66 -11.78 -9.53
C ALA B 110 27.40 -11.84 -10.85
N GLU B 111 28.46 -12.64 -10.88
CA GLU B 111 29.17 -12.92 -12.13
C GLU B 111 29.18 -14.42 -12.37
N VAL B 112 28.59 -14.83 -13.50
CA VAL B 112 28.51 -16.24 -13.89
C VAL B 112 28.94 -16.38 -15.34
N GLY B 113 29.97 -17.20 -15.57
CA GLY B 113 30.49 -17.41 -16.92
C GLY B 113 31.03 -16.16 -17.57
N GLY B 114 31.68 -15.31 -16.77
CA GLY B 114 32.22 -14.05 -17.22
C GLY B 114 31.19 -12.97 -17.53
N LYS B 115 29.95 -13.20 -17.09
CA LYS B 115 28.84 -12.29 -17.37
C LYS B 115 28.23 -11.75 -16.10
N GLN B 116 27.87 -10.46 -16.11
CA GLN B 116 27.26 -9.82 -14.95
C GLN B 116 25.74 -9.93 -14.95
N TYR B 117 25.19 -10.20 -13.76
CA TYR B 117 23.74 -10.32 -13.55
C TYR B 117 23.30 -9.34 -12.48
N TYR B 118 22.14 -8.72 -12.71
CA TYR B 118 21.46 -7.88 -11.73
C TYR B 118 20.23 -8.59 -11.17
N TYR B 119 19.98 -8.37 -9.87
CA TYR B 119 18.83 -8.92 -9.17
C TYR B 119 18.15 -7.85 -8.36
N LEU B 120 16.81 -7.82 -8.41
CA LEU B 120 16.03 -6.89 -7.57
C LEU B 120 14.83 -7.61 -7.00
N SER B 121 14.49 -7.28 -5.76
CA SER B 121 13.24 -7.76 -5.17
C SER B 121 12.36 -6.54 -5.00
N ILE B 122 11.08 -6.68 -5.34
CA ILE B 122 10.14 -5.56 -5.35
C ILE B 122 8.84 -5.97 -4.68
N LEU B 123 8.26 -5.05 -3.92
CA LEU B 123 6.90 -5.21 -3.43
C LEU B 123 6.02 -4.16 -4.10
N THR B 124 4.95 -4.59 -4.77
CA THR B 124 3.99 -3.67 -5.34
C THR B 124 2.61 -3.82 -4.71
N ARG B 125 1.89 -2.70 -4.64
CA ARG B 125 0.54 -2.66 -4.11
C ARG B 125 -0.35 -1.82 -5.03
N THR B 126 -1.59 -2.26 -5.23
CA THR B 126 -2.58 -1.47 -5.97
C THR B 126 -3.46 -0.67 -4.99
N ALA B 127 -4.28 0.20 -5.54
CA ALA B 127 -5.18 1.05 -4.75
C ALA B 127 -6.28 0.28 -4.02
N ASP B 128 -6.53 -0.96 -4.45
CA ASP B 128 -7.51 -1.83 -3.78
C ASP B 128 -6.95 -2.37 -2.47
N GLY B 132 -3.92 -8.41 -2.28
CA GLY B 132 -2.95 -7.69 -1.47
C GLY B 132 -1.72 -7.29 -2.28
N GLY B 133 -0.55 -7.39 -1.66
CA GLY B 133 0.70 -7.05 -2.32
C GLY B 133 1.22 -8.12 -3.25
N LYS B 134 2.02 -7.71 -4.23
CA LYS B 134 2.72 -8.65 -5.11
C LYS B 134 4.19 -8.64 -4.80
N HIS B 135 4.77 -9.83 -4.64
CA HIS B 135 6.17 -10.00 -4.32
C HIS B 135 6.88 -10.44 -5.58
N GLN B 136 7.74 -9.56 -6.11
CA GLN B 136 8.33 -9.76 -7.42
C GLN B 136 9.85 -9.83 -7.34
N LEU B 137 10.44 -10.66 -8.20
CA LEU B 137 11.89 -10.73 -8.30
C LEU B 137 12.31 -10.63 -9.76
N VAL B 138 13.22 -9.71 -10.03
CA VAL B 138 13.73 -9.49 -11.39
C VAL B 138 15.20 -9.88 -11.47
N THR B 139 15.54 -10.65 -12.49
CA THR B 139 16.93 -10.98 -12.83
C THR B 139 17.18 -10.46 -14.24
N ALA B 140 18.34 -9.84 -14.47
CA ALA B 140 18.64 -9.33 -15.82
C ALA B 140 20.10 -9.43 -16.18
N THR B 141 20.35 -9.62 -17.47
CA THR B 141 21.70 -9.69 -18.02
C THR B 141 21.68 -9.31 -19.49
N VAL B 142 22.85 -8.97 -20.03
CA VAL B 142 22.97 -8.55 -21.43
C VAL B 142 23.97 -9.46 -22.13
N ASN B 143 23.61 -9.94 -23.33
CA ASN B 143 24.51 -10.78 -24.13
C ASN B 143 24.11 -10.80 -25.60
N ASP B 144 25.10 -10.81 -26.49
CA ASP B 144 24.86 -10.97 -27.93
C ASP B 144 23.80 -10.02 -28.49
N GLY B 145 23.85 -8.77 -28.06
CA GLY B 145 22.98 -7.72 -28.57
C GLY B 145 21.56 -7.80 -28.02
N LYS B 146 21.38 -8.52 -26.92
CA LYS B 146 20.05 -8.70 -26.35
C LYS B 146 20.04 -8.46 -24.85
N LEU B 147 18.95 -7.83 -24.39
CA LEU B 147 18.67 -7.68 -22.96
C LEU B 147 17.75 -8.83 -22.54
N TYR B 148 18.19 -9.59 -21.55
CA TYR B 148 17.43 -10.73 -21.02
C TYR B 148 16.86 -10.38 -19.66
N ILE B 149 15.53 -10.48 -19.52
CA ILE B 149 14.86 -10.20 -18.26
C ILE B 149 14.03 -11.40 -17.82
N CYS B 150 14.23 -11.83 -16.58
CA CYS B 150 13.35 -12.82 -15.96
C CYS B 150 12.64 -12.18 -14.78
N LYS B 151 11.32 -12.30 -14.73
CA LYS B 151 10.58 -11.80 -13.58
C LYS B 151 9.63 -12.87 -13.04
N ALA B 152 9.76 -13.18 -11.75
CA ALA B 152 8.82 -14.08 -11.10
C ALA B 152 8.06 -13.32 -10.02
N GLN B 153 6.85 -13.76 -9.72
CA GLN B 153 6.03 -13.06 -8.75
C GLN B 153 5.01 -13.98 -8.09
N ALA B 154 4.55 -13.57 -6.91
CA ALA B 154 3.42 -14.20 -6.24
C ALA B 154 2.69 -13.16 -5.41
N GLY B 155 1.38 -13.35 -5.27
CA GLY B 155 0.58 -12.54 -4.35
C GLY B 155 0.73 -12.99 -2.91
N ASP B 156 0.19 -12.19 -1.98
CA ASP B 156 0.28 -12.48 -0.54
C ASP B 156 -0.07 -13.93 -0.16
N LYS B 157 -1.12 -14.46 -0.80
CA LYS B 157 -1.63 -15.78 -0.44
C LYS B 157 -0.68 -16.92 -0.80
N ARG B 158 0.33 -16.63 -1.62
CA ARG B 158 1.37 -17.60 -1.93
C ARG B 158 2.76 -17.11 -1.51
N TRP B 159 2.76 -16.15 -0.59
CA TRP B 159 3.99 -15.64 0.00
C TRP B 159 4.03 -16.05 1.47
N PHE B 160 4.47 -17.29 1.69
CA PHE B 160 4.58 -17.87 3.02
C PHE B 160 5.71 -18.89 3.05
N LYS B 161 6.17 -19.21 4.27
CA LYS B 161 7.25 -20.16 4.47
C LYS B 161 6.99 -21.50 3.78
N GLY B 162 7.88 -21.88 2.88
CA GLY B 162 7.74 -23.10 2.12
C GLY B 162 7.33 -22.88 0.67
N ALA B 163 6.78 -21.69 0.38
CA ALA B 163 6.34 -21.37 -0.97
C ALA B 163 7.14 -20.24 -1.64
N LYS B 164 7.92 -19.50 -0.86
CA LYS B 164 8.66 -18.35 -1.41
C LYS B 164 9.65 -18.77 -2.50
N LYS B 165 10.17 -19.99 -2.38
CA LYS B 165 11.10 -20.53 -3.37
C LYS B 165 10.56 -20.54 -4.80
N PHE B 166 9.24 -20.63 -4.94
CA PHE B 166 8.63 -20.64 -6.28
C PHE B 166 8.73 -19.29 -7.00
N VAL B 167 8.99 -18.24 -6.24
CA VAL B 167 9.38 -16.94 -6.80
C VAL B 167 10.90 -16.82 -6.81
N GLU B 168 11.52 -17.07 -5.65
CA GLU B 168 12.92 -16.75 -5.44
C GLU B 168 13.90 -17.66 -6.17
N ASN B 169 13.73 -18.98 -6.04
CA ASN B 169 14.57 -19.92 -6.79
C ASN B 169 14.37 -19.75 -8.29
N THR B 170 13.11 -19.65 -8.71
CA THR B 170 12.77 -19.44 -10.11
C THR B 170 13.55 -18.29 -10.72
N ALA B 171 13.41 -17.10 -10.16
CA ALA B 171 14.07 -15.93 -10.71
C ALA B 171 15.60 -15.95 -10.57
N THR B 172 16.12 -16.36 -9.40
CA THR B 172 17.58 -16.34 -9.22
C THR B 172 18.31 -17.42 -10.00
N SER B 173 17.58 -18.45 -10.42
CA SER B 173 18.16 -19.54 -11.23
C SER B 173 18.40 -19.13 -12.68
N PHE B 174 17.82 -18.00 -13.10
CA PHE B 174 17.89 -17.56 -14.49
C PHE B 174 19.32 -17.31 -14.94
N SER B 175 19.70 -18.00 -16.01
CA SER B 175 21.07 -17.93 -16.52
C SER B 175 21.09 -17.97 -18.03
N LEU B 176 22.10 -17.36 -18.63
CA LEU B 176 22.38 -17.59 -20.04
C LEU B 176 22.75 -19.06 -20.26
N ALA B 177 22.45 -19.56 -21.46
CA ALA B 177 22.72 -20.95 -21.80
C ALA B 177 24.22 -21.26 -21.77
#